data_4OK9
#
_entry.id   4OK9
#
_cell.length_a   90.811
_cell.length_b   90.811
_cell.length_c   76.672
_cell.angle_alpha   90.00
_cell.angle_beta   90.00
_cell.angle_gamma   120.00
#
_symmetry.space_group_name_H-M   'P 63'
#
loop_
_entity.id
_entity.type
_entity.pdbx_description
1 polymer 'Hut operon positive regulatory protein'
2 non-polymer 'MAGNESIUM ION'
3 non-polymer HISTIDINE
4 water water
#
_entity_poly.entity_id   1
_entity_poly.type   'polypeptide(L)'
_entity_poly.pdbx_seq_one_letter_code
;MGKEKSVRIGRQALLLAMLDEGEEGAILDELRASNWRYCQGRVGAMEPQKIVAAIETAAKRHEVVDGSLYRDMHALYHAI
LEAVHGVTRGQVELGDLLRTAGLRFAVVRGTPYEQPKEGEWIAVALYGTIGAPVRGLEHEAVGLGINHI
;
_entity_poly.pdbx_strand_id   A,B
#
loop_
_chem_comp.id
_chem_comp.type
_chem_comp.name
_chem_comp.formula
MG non-polymer 'MAGNESIUM ION' 'Mg 2'
#
# COMPACT_ATOMS: atom_id res chain seq x y z
N GLU A 4 19.53 -18.31 -7.86
CA GLU A 4 19.38 -17.23 -6.85
C GLU A 4 18.41 -16.14 -7.37
N LYS A 5 17.11 -16.41 -7.20
CA LYS A 5 16.01 -15.57 -7.69
C LYS A 5 15.63 -14.56 -6.61
N SER A 6 15.14 -13.39 -7.01
CA SER A 6 14.71 -12.42 -5.99
C SER A 6 13.19 -12.43 -5.93
N VAL A 7 12.64 -12.11 -4.76
CA VAL A 7 11.20 -12.26 -4.48
C VAL A 7 10.62 -10.95 -3.94
N ARG A 8 9.40 -10.62 -4.37
CA ARG A 8 8.72 -9.39 -3.90
C ARG A 8 7.92 -9.69 -2.64
N ILE A 9 8.68 -9.83 -1.54
CA ILE A 9 8.15 -10.12 -0.23
C ILE A 9 7.09 -9.14 0.29
N GLY A 10 7.30 -7.88 0.01
CA GLY A 10 6.32 -6.84 0.33
C GLY A 10 5.06 -7.05 -0.45
N ARG A 11 5.19 -7.32 -1.74
CA ARG A 11 3.99 -7.55 -2.54
C ARG A 11 3.32 -8.79 -2.09
N GLN A 12 4.07 -9.84 -1.72
CA GLN A 12 3.37 -10.98 -1.06
C GLN A 12 2.58 -10.60 0.13
N ALA A 13 3.19 -9.85 1.07
CA ALA A 13 2.38 -9.43 2.27
C ALA A 13 1.09 -8.62 1.99
N LEU A 14 1.20 -7.71 1.03
CA LEU A 14 0.11 -6.90 0.60
C LEU A 14 -0.96 -7.70 -0.03
N LEU A 15 -0.59 -8.64 -0.87
CA LEU A 15 -1.62 -9.51 -1.44
C LEU A 15 -2.37 -10.31 -0.40
N LEU A 16 -1.66 -10.81 0.59
CA LEU A 16 -2.34 -11.48 1.69
C LEU A 16 -3.21 -10.55 2.42
N ALA A 17 -2.80 -9.28 2.61
CA ALA A 17 -3.74 -8.37 3.27
C ALA A 17 -4.92 -7.91 2.41
N MET A 18 -4.76 -7.84 1.09
CA MET A 18 -5.87 -7.25 0.32
C MET A 18 -6.74 -8.22 -0.46
N LEU A 19 -6.23 -9.36 -0.87
CA LEU A 19 -7.07 -10.38 -1.54
C LEU A 19 -8.05 -11.05 -0.62
N ASP A 20 -9.26 -11.21 -1.13
CA ASP A 20 -10.32 -11.94 -0.47
C ASP A 20 -9.80 -13.36 -0.27
N GLU A 21 -10.36 -14.02 0.71
CA GLU A 21 -10.12 -15.37 1.12
C GLU A 21 -10.41 -16.37 -0.01
N GLY A 22 -9.53 -17.33 -0.23
CA GLY A 22 -9.64 -18.24 -1.35
C GLY A 22 -9.12 -17.69 -2.69
N GLU A 23 -8.77 -16.41 -2.71
CA GLU A 23 -8.15 -15.78 -3.88
C GLU A 23 -6.62 -15.80 -3.66
N GLU A 24 -6.19 -15.91 -2.40
CA GLU A 24 -4.76 -15.77 -2.02
C GLU A 24 -4.01 -17.11 -2.04
N GLY A 25 -4.68 -18.13 -2.57
CA GLY A 25 -4.12 -19.47 -2.71
C GLY A 25 -2.70 -19.53 -3.21
N ALA A 26 -2.40 -18.88 -4.34
CA ALA A 26 -1.07 -19.06 -4.94
C ALA A 26 0.02 -18.43 -4.07
N ILE A 27 -0.35 -17.36 -3.37
CA ILE A 27 0.60 -16.74 -2.44
C ILE A 27 0.92 -17.70 -1.30
N LEU A 28 -0.11 -18.27 -0.70
CA LEU A 28 0.11 -19.23 0.38
C LEU A 28 0.97 -20.39 -0.05
N ASP A 29 0.91 -20.77 -1.33
CA ASP A 29 1.72 -21.87 -1.88
C ASP A 29 3.14 -21.46 -2.15
N GLU A 30 3.36 -20.27 -2.70
CA GLU A 30 4.73 -19.79 -2.79
C GLU A 30 5.45 -19.78 -1.44
N LEU A 31 4.73 -19.36 -0.41
CA LEU A 31 5.36 -19.19 0.87
C LEU A 31 5.60 -20.54 1.52
N ARG A 32 4.70 -21.45 1.21
CA ARG A 32 4.76 -22.85 1.56
C ARG A 32 5.99 -23.49 0.90
N ALA A 33 6.23 -23.19 -0.37
CA ALA A 33 7.42 -23.67 -1.09
C ALA A 33 8.72 -23.18 -0.49
N SER A 34 8.93 -21.87 -0.46
CA SER A 34 10.21 -21.33 0.05
C SER A 34 10.33 -21.46 1.58
N ASN A 35 9.29 -21.97 2.22
CA ASN A 35 9.32 -22.26 3.63
C ASN A 35 9.53 -21.00 4.56
N TRP A 36 8.93 -19.86 4.17
CA TRP A 36 8.99 -18.58 4.89
C TRP A 36 7.94 -18.54 5.95
N ARG A 37 8.18 -17.88 7.09
CA ARG A 37 7.14 -17.73 8.07
C ARG A 37 6.29 -16.49 7.76
N TYR A 38 5.01 -16.59 8.14
CA TYR A 38 4.07 -15.56 7.93
C TYR A 38 2.85 -15.70 8.83
N CYS A 39 2.07 -14.64 8.88
CA CYS A 39 0.80 -14.65 9.58
C CYS A 39 -0.10 -13.57 8.97
N GLN A 40 -1.39 -13.70 9.18
CA GLN A 40 -2.39 -12.81 8.70
C GLN A 40 -3.29 -12.54 9.87
N GLY A 41 -3.97 -11.42 9.86
CA GLY A 41 -4.79 -11.02 10.97
C GLY A 41 -5.71 -9.89 10.61
N ARG A 42 -6.54 -9.51 11.55
CA ARG A 42 -7.42 -8.38 11.33
C ARG A 42 -7.39 -7.58 12.62
N VAL A 43 -7.56 -6.25 12.53
CA VAL A 43 -7.77 -5.44 13.72
C VAL A 43 -8.67 -4.24 13.42
N GLY A 44 -9.59 -3.94 14.33
CA GLY A 44 -10.42 -2.75 14.32
C GLY A 44 -9.89 -1.87 15.42
N ALA A 45 -9.55 -0.61 15.13
CA ALA A 45 -9.00 0.16 16.22
C ALA A 45 -9.31 1.65 16.09
N MET A 46 -9.42 2.27 17.25
CA MET A 46 -9.42 3.69 17.45
C MET A 46 -8.18 4.24 18.18
N GLU A 47 -7.30 3.34 18.55
CA GLU A 47 -6.04 3.69 19.14
C GLU A 47 -4.93 3.00 18.39
N PRO A 48 -3.93 3.76 17.99
CA PRO A 48 -2.96 3.12 17.13
C PRO A 48 -2.16 2.01 17.80
N GLN A 49 -1.95 2.12 19.10
CA GLN A 49 -1.21 1.05 19.79
C GLN A 49 -1.88 -0.29 19.71
N LYS A 50 -3.18 -0.30 19.49
CA LYS A 50 -3.95 -1.55 19.36
C LYS A 50 -3.58 -2.22 18.05
N ILE A 51 -3.21 -1.43 17.04
CA ILE A 51 -2.70 -2.04 15.83
C ILE A 51 -1.37 -2.67 16.01
N VAL A 52 -0.49 -1.97 16.68
CA VAL A 52 0.86 -2.39 16.91
C VAL A 52 0.77 -3.75 17.75
N ALA A 53 -0.03 -3.71 18.78
CA ALA A 53 -0.11 -4.90 19.68
C ALA A 53 -0.73 -6.12 18.98
N ALA A 54 -1.69 -5.89 18.09
CA ALA A 54 -2.31 -6.97 17.37
C ALA A 54 -1.37 -7.69 16.47
N ILE A 55 -0.52 -6.96 15.78
CA ILE A 55 0.43 -7.44 14.88
C ILE A 55 1.53 -8.14 15.68
N GLU A 56 2.02 -7.49 16.71
CA GLU A 56 3.02 -8.17 17.60
C GLU A 56 2.44 -9.53 18.14
N THR A 57 1.19 -9.53 18.56
CA THR A 57 0.54 -10.73 19.15
C THR A 57 0.47 -11.78 18.10
N ALA A 58 -0.02 -11.43 16.92
CA ALA A 58 0.02 -12.39 15.78
C ALA A 58 1.36 -12.89 15.33
N ALA A 59 2.37 -12.03 15.18
CA ALA A 59 3.66 -12.46 14.74
C ALA A 59 4.33 -13.45 15.77
N LYS A 60 4.22 -13.12 17.02
CA LYS A 60 4.75 -14.05 18.05
C LYS A 60 4.01 -15.41 18.03
N ARG A 61 2.69 -15.31 18.05
CA ARG A 61 1.83 -16.45 18.04
C ARG A 61 2.10 -17.43 16.89
N HIS A 62 2.36 -16.97 15.65
CA HIS A 62 2.60 -17.83 14.50
C HIS A 62 4.06 -18.05 14.23
N GLU A 63 4.88 -17.73 15.22
CA GLU A 63 6.28 -17.97 15.22
C GLU A 63 7.05 -17.27 14.13
N VAL A 64 6.56 -16.08 13.74
CA VAL A 64 7.29 -15.25 12.78
C VAL A 64 8.41 -14.51 13.44
N VAL A 65 8.23 -14.13 14.70
CA VAL A 65 9.30 -13.53 15.47
C VAL A 65 9.31 -14.12 16.94
N ASP A 66 10.45 -13.99 17.56
CA ASP A 66 10.62 -14.39 18.99
C ASP A 66 10.47 -13.23 19.94
N GLY A 67 9.33 -13.20 20.59
CA GLY A 67 8.99 -12.18 21.59
C GLY A 67 10.07 -11.84 22.63
N SER A 68 11.06 -12.72 22.80
CA SER A 68 12.01 -12.55 23.86
C SER A 68 13.30 -12.03 23.34
N LEU A 69 13.40 -11.87 22.01
CA LEU A 69 14.61 -11.47 21.38
C LEU A 69 14.38 -10.02 20.90
N TYR A 70 15.15 -9.09 21.44
CA TYR A 70 14.85 -7.70 21.11
C TYR A 70 15.15 -7.40 19.64
N ARG A 71 16.22 -7.94 19.05
CA ARG A 71 16.51 -7.62 17.64
C ARG A 71 15.32 -7.97 16.73
N ASP A 72 14.64 -9.05 17.02
CA ASP A 72 13.43 -9.44 16.27
C ASP A 72 12.29 -8.47 16.49
N MET A 73 12.08 -8.08 17.74
CA MET A 73 11.01 -7.22 18.05
C MET A 73 11.28 -5.76 17.62
N HIS A 74 12.52 -5.36 17.58
CA HIS A 74 12.94 -4.04 17.14
C HIS A 74 12.71 -3.92 15.61
N ALA A 75 13.08 -5.00 14.93
CA ALA A 75 12.89 -5.11 13.48
C ALA A 75 11.43 -5.00 13.15
N LEU A 76 10.63 -5.82 13.78
CA LEU A 76 9.27 -5.80 13.55
C LEU A 76 8.56 -4.46 13.92
N TYR A 77 8.88 -3.94 15.09
CA TYR A 77 8.22 -2.71 15.54
C TYR A 77 8.37 -1.60 14.46
N HIS A 78 9.60 -1.43 13.96
CA HIS A 78 9.87 -0.35 12.97
C HIS A 78 9.13 -0.60 11.70
N ALA A 79 8.98 -1.86 11.31
CA ALA A 79 8.21 -2.18 10.12
C ALA A 79 6.78 -1.88 10.31
N ILE A 80 6.24 -2.17 11.48
CA ILE A 80 4.86 -1.90 11.78
C ILE A 80 4.62 -0.37 11.67
N LEU A 81 5.47 0.39 12.30
CA LEU A 81 5.23 1.85 12.30
C LEU A 81 5.29 2.39 10.85
N GLU A 82 6.20 1.88 10.04
CA GLU A 82 6.21 2.32 8.55
C GLU A 82 4.88 1.96 7.85
N ALA A 83 4.38 0.75 8.10
CA ALA A 83 3.11 0.39 7.57
C ALA A 83 1.96 1.24 8.04
N VAL A 84 1.94 1.61 9.29
CA VAL A 84 0.86 2.40 9.85
C VAL A 84 0.91 3.85 9.28
N HIS A 85 2.10 4.33 9.00
CA HIS A 85 2.26 5.70 8.34
C HIS A 85 1.60 5.73 6.95
N GLY A 86 1.61 4.62 6.25
CA GLY A 86 0.96 4.49 4.94
C GLY A 86 -0.52 4.63 5.06
N VAL A 87 -1.06 4.02 6.12
CA VAL A 87 -2.47 4.09 6.42
C VAL A 87 -2.94 5.47 6.88
N THR A 88 -2.15 6.15 7.67
CA THR A 88 -2.60 7.41 8.20
C THR A 88 -2.16 8.62 7.36
N ARG A 89 -1.26 8.39 6.43
CA ARG A 89 -0.84 9.35 5.42
C ARG A 89 -0.38 10.68 6.06
N GLY A 90 0.38 10.54 7.13
CA GLY A 90 0.78 11.66 7.93
C GLY A 90 0.87 11.16 9.34
N GLN A 91 0.56 12.04 10.25
CA GLN A 91 0.64 11.74 11.65
C GLN A 91 -0.17 10.51 11.97
N VAL A 92 0.39 9.65 12.77
CA VAL A 92 -0.28 8.45 13.13
C VAL A 92 -1.24 8.78 14.25
N GLU A 93 -2.49 8.95 13.90
CA GLU A 93 -3.57 9.18 14.83
C GLU A 93 -4.83 8.52 14.31
N LEU A 94 -5.61 7.97 15.21
CA LEU A 94 -6.94 7.57 14.89
C LEU A 94 -7.95 8.34 15.72
N GLY A 95 -8.20 7.89 16.93
CA GLY A 95 -9.16 8.51 17.79
C GLY A 95 -8.88 9.94 18.16
N ASP A 96 -7.63 10.30 18.36
CA ASP A 96 -7.32 11.67 18.67
C ASP A 96 -7.61 12.59 17.52
N LEU A 97 -7.77 12.08 16.27
CA LEU A 97 -8.22 12.90 15.17
C LEU A 97 -9.64 12.50 14.72
N LEU A 98 -10.37 11.82 15.62
CA LEU A 98 -11.77 11.41 15.35
C LEU A 98 -11.92 10.54 14.11
N ARG A 99 -11.06 9.52 13.98
CA ARG A 99 -11.20 8.53 12.95
C ARG A 99 -10.86 7.15 13.55
N THR A 100 -11.19 6.09 12.83
CA THR A 100 -11.02 4.71 13.34
C THR A 100 -10.64 3.97 12.10
N ALA A 101 -9.99 2.84 12.26
CA ALA A 101 -9.60 2.02 11.13
C ALA A 101 -10.01 0.55 11.28
N GLY A 102 -10.31 -0.07 10.17
CA GLY A 102 -10.53 -1.50 10.16
C GLY A 102 -9.61 -2.11 9.16
N LEU A 103 -8.67 -2.90 9.62
CA LEU A 103 -7.59 -3.35 8.82
C LEU A 103 -7.33 -4.84 8.85
N ARG A 104 -6.92 -5.37 7.73
CA ARG A 104 -6.28 -6.64 7.65
C ARG A 104 -4.79 -6.41 7.57
N PHE A 105 -4.06 -7.33 8.16
CA PHE A 105 -2.63 -7.31 8.08
C PHE A 105 -2.05 -8.64 7.71
N ALA A 106 -0.82 -8.59 7.23
CA ALA A 106 0.00 -9.73 7.00
C ALA A 106 1.41 -9.40 7.33
N VAL A 107 2.15 -10.40 7.79
CA VAL A 107 3.57 -10.25 8.08
C VAL A 107 4.30 -11.42 7.42
N VAL A 108 5.40 -11.14 6.76
CA VAL A 108 6.14 -12.14 6.01
C VAL A 108 7.54 -12.01 6.41
N ARG A 109 8.20 -13.12 6.69
CA ARG A 109 9.61 -13.09 7.02
C ARG A 109 10.35 -14.06 6.13
N GLY A 110 11.41 -13.62 5.50
CA GLY A 110 12.03 -14.40 4.47
C GLY A 110 13.37 -13.94 3.98
N THR A 111 13.83 -14.56 2.90
CA THR A 111 15.09 -14.22 2.32
C THR A 111 14.89 -13.81 0.85
N PRO A 112 14.37 -12.51 0.69
CA PRO A 112 14.02 -12.14 -0.70
C PRO A 112 15.10 -11.86 -1.70
N TYR A 113 16.30 -11.51 -1.28
CA TYR A 113 17.36 -11.10 -2.18
C TYR A 113 18.05 -12.28 -2.88
N GLU A 114 18.68 -12.03 -4.00
CA GLU A 114 19.43 -13.05 -4.74
C GLU A 114 20.59 -13.48 -3.89
N GLN A 115 21.38 -12.52 -3.41
CA GLN A 115 22.55 -12.84 -2.57
C GLN A 115 22.13 -13.47 -1.25
N PRO A 116 22.67 -14.67 -0.91
CA PRO A 116 22.28 -15.28 0.36
C PRO A 116 22.77 -14.45 1.58
N LYS A 117 23.86 -13.68 1.42
CA LYS A 117 24.39 -12.86 2.50
C LYS A 117 23.42 -11.70 2.99
N GLU A 118 22.41 -11.37 2.18
CA GLU A 118 21.37 -10.38 2.55
C GLU A 118 20.45 -10.85 3.63
N GLY A 119 20.43 -12.15 3.87
CA GLY A 119 19.83 -12.62 5.08
C GLY A 119 18.33 -12.41 5.07
N GLU A 120 17.76 -12.36 6.25
CA GLU A 120 16.34 -12.23 6.39
C GLU A 120 15.85 -10.79 6.43
N TRP A 121 14.57 -10.65 6.04
CA TRP A 121 13.86 -9.36 5.91
C TRP A 121 12.48 -9.61 6.29
N ILE A 122 11.80 -8.60 6.79
CA ILE A 122 10.48 -8.79 7.22
C ILE A 122 9.63 -7.72 6.60
N ALA A 123 8.40 -8.12 6.28
CA ALA A 123 7.38 -7.23 5.69
C ALA A 123 6.16 -7.19 6.43
N VAL A 124 5.63 -5.97 6.63
CA VAL A 124 4.35 -5.80 7.30
C VAL A 124 3.46 -5.03 6.37
N ALA A 125 2.27 -5.58 6.04
CA ALA A 125 1.32 -4.93 5.15
C ALA A 125 0.07 -4.73 5.88
N LEU A 126 -0.57 -3.62 5.57
CA LEU A 126 -1.90 -3.29 6.06
C LEU A 126 -2.80 -2.86 4.90
N TYR A 127 -4.09 -3.23 4.98
CA TYR A 127 -5.05 -2.84 3.99
C TYR A 127 -6.41 -2.91 4.63
N GLY A 128 -7.15 -1.82 4.43
CA GLY A 128 -8.52 -1.73 4.86
C GLY A 128 -9.16 -0.41 4.71
N THR A 129 -9.91 -0.04 5.69
CA THR A 129 -10.64 1.19 5.63
C THR A 129 -10.26 2.06 6.81
N ILE A 130 -10.45 3.38 6.59
CA ILE A 130 -10.28 4.41 7.62
C ILE A 130 -11.41 5.36 7.48
N GLY A 131 -11.90 5.86 8.57
CA GLY A 131 -13.07 6.66 8.38
C GLY A 131 -13.53 7.22 9.63
N ALA A 132 -14.69 7.82 9.56
CA ALA A 132 -15.35 8.32 10.70
C ALA A 132 -15.80 7.19 11.58
N PRO A 133 -16.02 7.56 12.91
CA PRO A 133 -16.42 6.44 13.77
C PRO A 133 -17.77 5.84 13.45
N VAL A 134 -18.42 6.24 12.39
CA VAL A 134 -19.70 5.74 11.99
C VAL A 134 -19.57 4.90 10.74
N ARG A 135 -20.23 3.74 10.70
CA ARG A 135 -20.08 2.78 9.59
C ARG A 135 -20.51 3.37 8.28
N GLY A 136 -19.80 3.06 7.20
CA GLY A 136 -20.12 3.60 5.86
C GLY A 136 -19.47 4.95 5.48
N LEU A 137 -19.04 5.71 6.49
CA LEU A 137 -18.36 6.98 6.22
C LEU A 137 -16.83 6.72 6.32
N GLU A 138 -16.31 6.04 5.32
CA GLU A 138 -14.92 5.55 5.30
C GLU A 138 -14.46 5.36 3.91
N HIS A 139 -13.13 5.31 3.67
CA HIS A 139 -12.55 4.85 2.43
C HIS A 139 -11.35 3.98 2.72
N GLU A 140 -10.65 3.56 1.68
CA GLU A 140 -9.57 2.59 1.77
C GLU A 140 -8.28 3.23 2.23
N ALA A 141 -7.38 2.41 2.68
CA ALA A 141 -6.02 2.76 3.14
C ALA A 141 -5.13 1.53 3.03
N VAL A 142 -3.86 1.78 2.84
CA VAL A 142 -2.81 0.78 2.70
C VAL A 142 -1.50 1.23 3.36
N GLY A 143 -0.68 0.26 3.73
CA GLY A 143 0.68 0.50 4.11
C GLY A 143 1.63 -0.67 3.97
N LEU A 144 2.90 -0.40 3.83
CA LEU A 144 3.88 -1.43 3.81
C LEU A 144 5.14 -0.98 4.51
N GLY A 145 5.66 -1.82 5.37
CA GLY A 145 6.91 -1.61 6.03
C GLY A 145 7.88 -2.74 5.73
N ILE A 146 9.13 -2.38 5.52
CA ILE A 146 10.16 -3.40 5.29
C ILE A 146 11.33 -3.15 6.25
N ASN A 147 11.89 -4.23 6.79
CA ASN A 147 13.09 -4.11 7.54
C ASN A 147 13.91 -5.41 7.51
N HIS A 148 15.17 -5.22 7.72
CA HIS A 148 16.11 -6.33 7.82
C HIS A 148 15.88 -6.98 9.16
N ILE A 149 16.13 -8.28 9.25
CA ILE A 149 15.91 -8.98 10.50
C ILE A 149 16.88 -10.18 10.61
N GLU B 4 -25.17 -6.22 -1.95
CA GLU B 4 -24.68 -4.88 -1.67
C GLU B 4 -23.53 -4.40 -2.58
N LYS B 5 -23.74 -3.27 -3.21
CA LYS B 5 -23.08 -2.85 -4.44
C LYS B 5 -21.74 -2.12 -4.39
N SER B 6 -21.10 -1.97 -3.25
CA SER B 6 -19.85 -1.18 -3.18
C SER B 6 -18.59 -1.84 -3.77
N VAL B 7 -17.66 -1.03 -4.25
CA VAL B 7 -16.43 -1.44 -4.88
C VAL B 7 -15.18 -0.86 -4.20
N ARG B 8 -14.16 -1.68 -4.05
CA ARG B 8 -12.87 -1.28 -3.50
C ARG B 8 -11.99 -0.69 -4.60
N ILE B 9 -12.29 0.52 -4.94
CA ILE B 9 -11.56 1.31 -5.93
C ILE B 9 -10.04 1.43 -5.67
N GLY B 10 -9.68 1.58 -4.40
CA GLY B 10 -8.27 1.62 -4.04
C GLY B 10 -7.55 0.32 -4.28
N ARG B 11 -8.19 -0.81 -3.90
CA ARG B 11 -7.64 -2.10 -4.13
C ARG B 11 -7.47 -2.34 -5.64
N GLN B 12 -8.44 -1.89 -6.43
CA GLN B 12 -8.22 -1.99 -7.91
C GLN B 12 -7.02 -1.23 -8.35
N ALA B 13 -6.91 0.02 -7.92
CA ALA B 13 -5.69 0.78 -8.25
C ALA B 13 -4.39 0.18 -7.79
N LEU B 14 -4.39 -0.37 -6.57
CA LEU B 14 -3.19 -1.03 -6.09
C LEU B 14 -2.84 -2.29 -6.85
N LEU B 15 -3.86 -3.11 -7.12
CA LEU B 15 -3.65 -4.28 -8.00
C LEU B 15 -3.07 -3.92 -9.41
N LEU B 16 -3.54 -2.84 -10.01
CA LEU B 16 -2.94 -2.40 -11.25
C LEU B 16 -1.50 -2.04 -11.11
N ALA B 17 -1.18 -1.31 -10.06
CA ALA B 17 0.18 -0.91 -9.79
C ALA B 17 1.11 -2.03 -9.45
N MET B 18 0.63 -3.03 -8.74
CA MET B 18 1.50 -4.13 -8.33
C MET B 18 1.53 -5.46 -9.10
N LEU B 19 0.43 -5.86 -9.72
CA LEU B 19 0.42 -7.11 -10.48
C LEU B 19 1.25 -7.02 -11.73
N ASP B 20 1.95 -8.08 -12.08
CA ASP B 20 2.80 -8.06 -13.25
C ASP B 20 1.96 -7.87 -14.48
N GLU B 21 2.54 -7.26 -15.49
CA GLU B 21 1.82 -7.06 -16.73
C GLU B 21 1.42 -8.41 -17.25
N GLY B 22 0.16 -8.53 -17.59
CA GLY B 22 -0.48 -9.77 -17.93
C GLY B 22 -1.22 -10.51 -16.83
N GLU B 23 -1.09 -10.07 -15.60
CA GLU B 23 -1.83 -10.69 -14.54
C GLU B 23 -3.05 -9.87 -14.17
N GLU B 24 -3.21 -8.70 -14.78
CA GLU B 24 -4.21 -7.75 -14.33
C GLU B 24 -5.55 -7.72 -15.07
N GLY B 25 -5.77 -8.69 -15.92
CA GLY B 25 -6.85 -8.70 -16.88
C GLY B 25 -8.21 -8.58 -16.24
N ALA B 26 -8.42 -9.27 -15.14
CA ALA B 26 -9.72 -9.25 -14.49
C ALA B 26 -10.00 -7.90 -13.85
N ILE B 27 -8.94 -7.21 -13.45
CA ILE B 27 -9.12 -5.85 -12.90
C ILE B 27 -9.48 -4.91 -14.10
N LEU B 28 -8.74 -5.04 -15.19
CA LEU B 28 -9.02 -4.24 -16.41
C LEU B 28 -10.43 -4.50 -16.93
N ASP B 29 -10.88 -5.75 -16.80
CA ASP B 29 -12.27 -6.10 -17.19
C ASP B 29 -13.29 -5.48 -16.28
N GLU B 30 -13.10 -5.51 -14.97
CA GLU B 30 -14.11 -4.93 -14.08
C GLU B 30 -14.31 -3.44 -14.36
N LEU B 31 -13.20 -2.79 -14.73
CA LEU B 31 -13.19 -1.35 -14.91
C LEU B 31 -13.95 -0.99 -16.19
N ARG B 32 -13.71 -1.77 -17.27
CA ARG B 32 -14.52 -1.71 -18.52
C ARG B 32 -16.03 -1.85 -18.28
N ALA B 33 -16.44 -2.85 -17.50
CA ALA B 33 -17.87 -3.08 -17.22
C ALA B 33 -18.49 -1.90 -16.52
N SER B 34 -17.74 -1.21 -15.67
CA SER B 34 -18.35 -0.11 -14.90
C SER B 34 -18.11 1.17 -15.66
N ASN B 35 -17.28 1.07 -16.68
CA ASN B 35 -16.93 2.19 -17.49
C ASN B 35 -16.21 3.33 -16.72
N TRP B 36 -15.40 2.95 -15.74
CA TRP B 36 -14.60 3.92 -15.00
C TRP B 36 -13.39 4.36 -15.76
N ARG B 37 -12.96 5.59 -15.54
CA ARG B 37 -11.71 6.03 -16.11
C ARG B 37 -10.47 5.64 -15.31
N TYR B 38 -9.36 5.39 -15.98
CA TYR B 38 -8.18 4.98 -15.25
C TYR B 38 -6.96 5.10 -16.08
N CYS B 39 -5.82 5.01 -15.46
CA CYS B 39 -4.56 5.01 -16.21
C CYS B 39 -3.48 4.39 -15.33
N GLN B 40 -2.40 3.98 -15.96
CA GLN B 40 -1.24 3.39 -15.34
C GLN B 40 -0.02 4.02 -15.89
N GLY B 41 1.09 3.83 -15.20
CA GLY B 41 2.34 4.45 -15.56
C GLY B 41 3.44 4.06 -14.60
N ARG B 42 4.67 4.50 -14.92
CA ARG B 42 5.92 4.18 -14.20
C ARG B 42 6.67 5.45 -14.10
N VAL B 43 7.37 5.72 -12.98
CA VAL B 43 8.26 6.87 -12.86
C VAL B 43 9.44 6.48 -11.99
N GLY B 44 10.63 6.94 -12.40
CA GLY B 44 11.86 6.76 -11.70
C GLY B 44 12.18 8.13 -11.20
N ALA B 45 12.40 8.31 -9.88
CA ALA B 45 12.62 9.72 -9.43
C ALA B 45 13.56 9.84 -8.23
N MET B 46 14.29 10.94 -8.19
CA MET B 46 15.13 11.33 -7.03
C MET B 46 14.62 12.59 -6.42
N GLU B 47 13.53 13.13 -6.94
CA GLU B 47 12.87 14.29 -6.42
C GLU B 47 11.38 14.00 -6.44
N PRO B 48 10.70 14.39 -5.35
CA PRO B 48 9.28 14.00 -5.25
C PRO B 48 8.40 14.70 -6.24
N GLN B 49 8.72 15.97 -6.61
CA GLN B 49 7.89 16.67 -7.56
C GLN B 49 7.80 15.93 -8.91
N LYS B 50 8.75 15.07 -9.18
CA LYS B 50 8.80 14.31 -10.48
C LYS B 50 7.74 13.25 -10.42
N ILE B 51 7.52 12.70 -9.23
CA ILE B 51 6.34 11.80 -9.06
C ILE B 51 5.06 12.52 -9.26
N VAL B 52 4.89 13.65 -8.60
CA VAL B 52 3.66 14.30 -8.62
C VAL B 52 3.39 14.67 -10.18
N ALA B 53 4.43 15.20 -10.82
CA ALA B 53 4.29 15.73 -12.24
C ALA B 53 3.98 14.57 -13.12
N ALA B 54 4.60 13.44 -12.84
CA ALA B 54 4.32 12.28 -13.68
C ALA B 54 2.93 11.75 -13.60
N ILE B 55 2.32 11.74 -12.42
CA ILE B 55 1.01 11.22 -12.28
C ILE B 55 -0.05 12.24 -12.77
N GLU B 56 0.20 13.53 -12.51
CA GLU B 56 -0.66 14.62 -13.01
C GLU B 56 -0.66 14.52 -14.60
N THR B 57 0.51 14.39 -15.19
CA THR B 57 0.72 14.33 -16.67
C THR B 57 -0.07 13.16 -17.19
N ALA B 58 0.11 11.97 -16.62
CA ALA B 58 -0.64 10.78 -17.00
C ALA B 58 -2.10 10.85 -16.87
N ALA B 59 -2.61 11.35 -15.75
CA ALA B 59 -4.03 11.42 -15.58
C ALA B 59 -4.70 12.35 -16.64
N LYS B 60 -4.02 13.45 -16.92
CA LYS B 60 -4.54 14.43 -17.86
C LYS B 60 -4.52 13.82 -19.28
N ARG B 61 -3.41 13.28 -19.68
CA ARG B 61 -3.25 12.80 -21.03
C ARG B 61 -4.12 11.60 -21.36
N HIS B 62 -4.61 10.88 -20.35
CA HIS B 62 -5.55 9.80 -20.49
C HIS B 62 -6.93 10.20 -20.16
N GLU B 63 -7.18 11.47 -19.92
CA GLU B 63 -8.53 12.00 -19.73
C GLU B 63 -9.25 11.49 -18.50
N VAL B 64 -8.44 11.16 -17.48
CA VAL B 64 -8.99 10.78 -16.24
C VAL B 64 -9.41 12.02 -15.46
N VAL B 65 -8.67 13.12 -15.66
CA VAL B 65 -8.98 14.39 -15.12
C VAL B 65 -8.81 15.48 -16.22
N ASP B 66 -9.41 16.61 -15.91
CA ASP B 66 -9.37 17.81 -16.70
C ASP B 66 -8.43 18.81 -16.08
N GLY B 67 -7.27 18.89 -16.72
CA GLY B 67 -6.19 19.76 -16.34
C GLY B 67 -6.49 21.19 -16.27
N SER B 68 -7.63 21.59 -16.81
CA SER B 68 -7.97 23.00 -16.73
C SER B 68 -8.97 23.23 -15.66
N LEU B 69 -9.44 22.19 -14.97
CA LEU B 69 -10.45 22.34 -13.95
C LEU B 69 -9.83 22.17 -12.52
N TYR B 70 -9.89 23.21 -11.69
CA TYR B 70 -9.11 23.13 -10.46
C TYR B 70 -9.68 22.07 -9.53
N ARG B 71 -11.01 21.89 -9.47
CA ARG B 71 -11.55 20.92 -8.55
C ARG B 71 -11.02 19.52 -8.83
N ASP B 72 -10.78 19.24 -10.11
CA ASP B 72 -10.21 17.95 -10.52
C ASP B 72 -8.72 17.82 -10.20
N MET B 73 -7.97 18.91 -10.34
CA MET B 73 -6.58 18.87 -10.15
C MET B 73 -6.31 18.98 -8.61
N HIS B 74 -7.19 19.60 -7.89
CA HIS B 74 -7.08 19.77 -6.45
C HIS B 74 -7.29 18.36 -5.79
N ALA B 75 -8.31 17.68 -6.29
CA ALA B 75 -8.69 16.34 -5.79
C ALA B 75 -7.57 15.37 -6.09
N LEU B 76 -7.04 15.39 -7.29
CA LEU B 76 -5.98 14.51 -7.66
C LEU B 76 -4.67 14.82 -6.88
N TYR B 77 -4.32 16.12 -6.76
CA TYR B 77 -3.05 16.50 -6.13
C TYR B 77 -3.00 15.88 -4.66
N HIS B 78 -4.08 16.04 -3.93
CA HIS B 78 -4.09 15.61 -2.53
C HIS B 78 -4.02 14.10 -2.44
N ALA B 79 -4.67 13.41 -3.38
CA ALA B 79 -4.58 11.95 -3.44
C ALA B 79 -3.16 11.48 -3.76
N ILE B 80 -2.46 12.21 -4.62
CA ILE B 80 -1.09 11.88 -4.95
C ILE B 80 -0.21 12.06 -3.69
N LEU B 81 -0.36 13.17 -2.98
CA LEU B 81 0.51 13.39 -1.81
C LEU B 81 0.28 12.30 -0.76
N GLU B 82 -0.96 11.94 -0.60
CA GLU B 82 -1.26 10.77 0.29
C GLU B 82 -0.60 9.47 -0.10
N ALA B 83 -0.62 9.11 -1.38
CA ALA B 83 0.06 7.98 -1.89
C ALA B 83 1.54 8.07 -1.71
N VAL B 84 2.10 9.27 -1.89
CA VAL B 84 3.55 9.44 -1.79
C VAL B 84 4.03 9.27 -0.28
N HIS B 85 3.15 9.70 0.63
CA HIS B 85 3.44 9.52 2.10
C HIS B 85 3.60 8.07 2.42
N GLY B 86 2.85 7.21 1.73
CA GLY B 86 2.88 5.78 2.04
C GLY B 86 4.21 5.22 1.63
N VAL B 87 4.71 5.75 0.50
CA VAL B 87 6.01 5.36 -0.06
C VAL B 87 7.19 5.82 0.81
N THR B 88 7.12 7.04 1.36
CA THR B 88 8.22 7.59 2.02
C THR B 88 8.19 7.30 3.55
N ARG B 89 7.04 6.93 4.04
CA ARG B 89 6.83 6.53 5.42
C ARG B 89 7.26 7.57 6.46
N GLY B 90 6.90 8.81 6.21
CA GLY B 90 7.37 9.90 6.99
C GLY B 90 7.48 11.05 6.03
N GLN B 91 8.45 11.89 6.27
CA GLN B 91 8.68 13.05 5.46
C GLN B 91 8.86 12.66 4.00
N VAL B 92 8.23 13.38 3.12
CA VAL B 92 8.28 13.07 1.73
C VAL B 92 9.56 13.66 1.22
N GLU B 93 10.54 12.78 1.06
CA GLU B 93 11.86 13.09 0.56
C GLU B 93 12.46 11.89 -0.18
N LEU B 94 13.22 12.19 -1.21
CA LEU B 94 14.00 11.21 -1.90
C LEU B 94 15.43 11.68 -1.87
N GLY B 95 15.79 12.49 -2.85
CA GLY B 95 17.13 12.94 -3.03
C GLY B 95 17.70 13.70 -1.86
N ASP B 96 16.90 14.53 -1.22
CA ASP B 96 17.35 15.30 -0.09
C ASP B 96 17.69 14.43 1.10
N LEU B 97 17.22 13.19 1.16
CA LEU B 97 17.68 12.26 2.20
C LEU B 97 18.51 11.13 1.57
N LEU B 98 19.06 11.40 0.39
CA LEU B 98 19.92 10.36 -0.28
C LEU B 98 19.25 9.02 -0.55
N ARG B 99 18.02 9.09 -1.10
CA ARG B 99 17.32 7.97 -1.65
C ARG B 99 16.60 8.32 -2.93
N THR B 100 16.23 7.27 -3.67
CA THR B 100 15.58 7.37 -5.02
C THR B 100 14.54 6.26 -5.09
N ALA B 101 13.52 6.46 -5.91
CA ALA B 101 12.48 5.54 -6.02
C ALA B 101 12.21 5.16 -7.49
N GLY B 102 11.78 3.93 -7.67
CA GLY B 102 11.22 3.43 -8.93
C GLY B 102 9.85 2.83 -8.73
N LEU B 103 8.88 3.53 -9.24
CA LEU B 103 7.52 3.28 -8.95
C LEU B 103 6.61 3.05 -10.14
N ARG B 104 5.74 2.08 -10.01
CA ARG B 104 4.53 2.02 -10.76
C ARG B 104 3.39 2.72 -10.11
N PHE B 105 2.56 3.33 -10.94
CA PHE B 105 1.35 3.93 -10.43
C PHE B 105 0.14 3.60 -11.25
N ALA B 106 -1.01 3.78 -10.64
CA ALA B 106 -2.29 3.76 -11.27
C ALA B 106 -3.24 4.78 -10.62
N VAL B 107 -4.18 5.33 -11.38
CA VAL B 107 -5.19 6.29 -10.92
C VAL B 107 -6.51 5.69 -11.41
N VAL B 108 -7.56 5.62 -10.63
CA VAL B 108 -8.84 5.03 -11.06
C VAL B 108 -9.86 6.09 -10.56
N ARG B 109 -10.90 6.51 -11.26
CA ARG B 109 -11.92 7.46 -10.75
C ARG B 109 -13.25 6.71 -11.18
N GLY B 110 -14.38 6.69 -10.49
CA GLY B 110 -15.62 6.00 -10.96
C GLY B 110 -16.33 6.42 -9.61
N THR B 111 -17.30 5.62 -9.25
CA THR B 111 -18.14 5.90 -8.13
C THR B 111 -18.21 4.49 -7.57
N PRO B 112 -17.58 4.32 -6.44
CA PRO B 112 -17.50 3.03 -5.76
C PRO B 112 -18.50 2.80 -4.64
N TYR B 113 -19.20 3.80 -4.15
CA TYR B 113 -20.15 3.59 -3.05
C TYR B 113 -21.52 3.05 -3.62
N GLU B 114 -22.32 2.44 -2.78
CA GLU B 114 -23.72 2.07 -3.11
C GLU B 114 -24.52 3.32 -3.44
N GLN B 115 -24.73 4.21 -2.47
CA GLN B 115 -25.57 5.39 -2.71
C GLN B 115 -25.04 6.26 -3.83
N PRO B 116 -25.86 6.52 -4.86
CA PRO B 116 -25.37 7.33 -5.99
C PRO B 116 -25.01 8.79 -5.65
N LYS B 117 -25.57 9.33 -4.58
CA LYS B 117 -25.30 10.70 -4.15
C LYS B 117 -23.79 10.85 -3.72
N GLU B 118 -23.11 9.73 -3.46
CA GLU B 118 -21.70 9.78 -3.03
C GLU B 118 -20.82 10.19 -4.19
N GLY B 119 -21.35 10.06 -5.41
CA GLY B 119 -20.67 10.59 -6.59
C GLY B 119 -19.29 9.98 -6.83
N GLU B 120 -18.44 10.72 -7.50
CA GLU B 120 -17.14 10.22 -7.90
C GLU B 120 -16.02 10.39 -6.84
N TRP B 121 -15.06 9.48 -6.93
CA TRP B 121 -13.89 9.39 -6.05
C TRP B 121 -12.74 9.00 -6.93
N ILE B 122 -11.51 9.34 -6.52
CA ILE B 122 -10.37 9.04 -7.25
C ILE B 122 -9.38 8.34 -6.29
N ALA B 123 -8.73 7.31 -6.81
CA ALA B 123 -7.68 6.53 -6.13
C ALA B 123 -6.39 6.68 -6.84
N VAL B 124 -5.32 6.90 -6.10
CA VAL B 124 -4.02 6.89 -6.63
C VAL B 124 -3.18 5.88 -5.87
N ALA B 125 -2.55 4.94 -6.54
CA ALA B 125 -1.79 3.87 -5.89
C ALA B 125 -0.36 3.93 -6.43
N LEU B 126 0.66 3.66 -5.63
CA LEU B 126 2.09 3.69 -6.03
C LEU B 126 2.58 2.30 -5.54
N TYR B 127 3.31 1.50 -6.29
CA TYR B 127 3.97 0.31 -5.75
C TYR B 127 5.34 0.31 -6.41
N GLY B 128 6.40 0.09 -5.67
CA GLY B 128 7.72 0.14 -6.20
C GLY B 128 8.79 -0.28 -5.26
N THR B 129 9.95 0.23 -5.54
CA THR B 129 11.13 0.16 -4.68
C THR B 129 11.68 1.55 -4.41
N ILE B 130 12.47 1.63 -3.31
CA ILE B 130 13.11 2.80 -2.81
C ILE B 130 14.40 2.34 -2.22
N GLY B 131 15.40 3.16 -2.39
CA GLY B 131 16.70 2.72 -1.96
C GLY B 131 17.74 3.74 -2.20
N ALA B 132 18.97 3.35 -1.94
CA ALA B 132 20.11 4.16 -2.19
C ALA B 132 20.27 4.28 -3.67
N PRO B 133 20.99 5.40 -4.12
CA PRO B 133 21.18 5.42 -5.58
C PRO B 133 22.30 4.50 -6.05
N VAL B 134 22.14 3.21 -5.78
CA VAL B 134 23.05 2.18 -6.16
C VAL B 134 22.23 0.97 -6.46
N ARG B 135 22.53 0.28 -7.53
CA ARG B 135 21.73 -0.83 -7.98
C ARG B 135 21.74 -1.91 -6.93
N GLY B 136 20.59 -2.49 -6.64
CA GLY B 136 20.42 -3.54 -5.58
C GLY B 136 20.26 -3.14 -4.10
N LEU B 137 20.60 -1.91 -3.77
CA LEU B 137 20.48 -1.47 -2.36
C LEU B 137 19.07 -0.74 -2.23
N GLU B 138 18.01 -1.54 -2.22
CA GLU B 138 16.61 -1.12 -2.28
C GLU B 138 15.65 -2.13 -1.71
N HIS B 139 14.46 -1.65 -1.33
CA HIS B 139 13.37 -2.53 -0.98
C HIS B 139 12.10 -1.94 -1.40
N GLU B 140 11.00 -2.66 -1.19
CA GLU B 140 9.70 -2.32 -1.69
C GLU B 140 9.07 -1.18 -0.88
N ALA B 141 8.09 -0.55 -1.48
CA ALA B 141 7.29 0.50 -0.87
C ALA B 141 5.95 0.55 -1.59
N VAL B 142 4.94 1.09 -0.93
CA VAL B 142 3.62 1.15 -1.49
C VAL B 142 2.92 2.39 -0.97
N GLY B 143 1.93 2.87 -1.68
CA GLY B 143 1.08 3.92 -1.14
C GLY B 143 -0.30 4.01 -1.75
N LEU B 144 -1.24 4.57 -1.04
CA LEU B 144 -2.56 4.78 -1.57
C LEU B 144 -3.17 6.05 -1.07
N GLY B 145 -3.74 6.78 -2.00
CA GLY B 145 -4.47 7.95 -1.67
C GLY B 145 -5.87 7.90 -2.26
N ILE B 146 -6.82 8.40 -1.52
CA ILE B 146 -8.19 8.45 -1.99
C ILE B 146 -8.72 9.83 -1.77
N ASN B 147 -9.45 10.35 -2.77
CA ASN B 147 -10.20 11.57 -2.54
C ASN B 147 -11.56 11.62 -3.30
N HIS B 148 -12.46 12.43 -2.83
CA HIS B 148 -13.73 12.69 -3.52
C HIS B 148 -13.40 13.61 -4.66
N ILE B 149 -14.20 13.54 -5.74
CA ILE B 149 -13.90 14.38 -6.92
C ILE B 149 -15.18 14.61 -7.74
MG MG C . 14.31 1.72 17.49
MG MG D . -0.73 11.73 19.29
MG MG E . -3.43 10.23 22.92
N HIS F . 12.76 0.74 18.94
CA HIS F . 11.67 1.74 19.21
C HIS F . 12.20 3.12 19.00
O HIS F . 11.67 4.09 19.51
CB HIS F . 11.12 1.51 20.62
CG HIS F . 10.40 0.22 20.76
ND1 HIS F . 11.04 -1.00 20.79
CD2 HIS F . 9.08 -0.06 20.81
CE1 HIS F . 10.15 -1.96 20.81
NE2 HIS F . 8.96 -1.42 20.85
OXT HIS F . 13.21 3.36 18.28
MG MG G . -5.42 21.97 -1.19
MG MG H . 12.15 18.89 1.97
MG MG I . 15.01 20.48 -1.87
N HIS J . -4.04 22.32 -3.08
CA HIS J . -2.61 22.33 -2.66
C HIS J . -2.47 22.68 -1.20
O HIS J . -3.49 22.52 -0.48
CB HIS J . -1.86 23.23 -3.62
CG HIS J . -1.78 22.65 -4.99
ND1 HIS J . -2.84 22.66 -5.86
CD2 HIS J . -0.79 21.99 -5.62
CE1 HIS J . -2.51 22.03 -6.96
NE2 HIS J . -1.26 21.65 -6.88
OXT HIS J . -1.42 23.14 -0.75
#